data_8WKY
#
_entry.id   8WKY
#
_cell.length_a   166.920
_cell.length_b   44.900
_cell.length_c   89.810
_cell.angle_alpha   90.00
_cell.angle_beta   97.74
_cell.angle_gamma   90.00
#
_symmetry.space_group_name_H-M   'C 1 2 1'
#
loop_
_entity.id
_entity.type
_entity.pdbx_description
1 polymer 'Melanocortin receptor 4'
2 polymer N-(2-aminoethyl)-5-(2-{[4-(morpholin-4-yl)pyridin-2-yl]amino}-1,3-thiazol-5-yl)pyridine-3-carboxamide
3 non-polymer 'CALCIUM ION'
4 non-polymer 'OLEIC ACID'
5 water water
#
loop_
_entity_poly.entity_id
_entity_poly.type
_entity_poly.pdbx_seq_one_letter_code
_entity_poly.pdbx_strand_id
1 'polypeptide(L)'
;MKTIIALSYIFCLVFADYKDDDDAGRAWNRSSYRLHSNASESLGKGYSDGGCYEQLFVSPVVFVTLGVISLLENILVIVA
IAKNKNLHSPMYFFICSLAVADMLVSVSLGFETIVITLLNSTDTDAQSFTVNIDNVIDSVICASLLASICSLLSIAVDRY
FTIFYALQYHNIMTVKRVGIIISCIWAACTVSGILFIIYSDSSAVIICLITMFFTMLALMASLYVHMFLMARLHGID
(YCM)SFWNESYLTGSRDERKKSLLSKFGMDEGVTFMFIGRFDRGQKGVDVLLKAIEILSSKKEFQEMRFIIIGKGDPEL
EGWARSLEEKHGNVKVITEMLSREFVRELYGSVDFVIIPSYFEPFGLVALEAMCLGAIPIASAVGGLRDIITNETGILVK
AGDPGELANAILKALELSRSDLSKFRENCKKRAMSFSRQGANMKGAITLTILIGVFVVCWAPFFLHLIFYISCPQNPYCV
CFMSHFNLYLILIMCNSIINPLIYALRSQELRKTFKEIICCYEFLEVLFQGPHHHHHHHHHH
;
A
2 'polypeptide(L)' (ACE)(NLE)DP(4J2)RWGK(NH2) B
#
# COMPACT_ATOMS: atom_id res chain seq x y z
N GLN A 55 39.58 -15.36 -2.96
CA GLN A 55 38.60 -14.43 -3.49
C GLN A 55 38.14 -14.83 -4.89
N LEU A 56 36.83 -15.07 -5.04
CA LEU A 56 36.28 -15.48 -6.31
C LEU A 56 36.46 -14.37 -7.35
N PHE A 57 37.12 -14.71 -8.45
CA PHE A 57 37.44 -13.74 -9.49
C PHE A 57 36.34 -13.69 -10.54
N VAL A 58 35.90 -12.48 -10.88
CA VAL A 58 34.98 -12.23 -11.98
C VAL A 58 35.66 -11.29 -12.97
N SER A 59 35.48 -11.57 -14.25
CA SER A 59 36.14 -10.78 -15.28
C SER A 59 35.69 -9.32 -15.18
N PRO A 60 36.61 -8.34 -15.21
CA PRO A 60 36.19 -6.94 -15.18
C PRO A 60 35.26 -6.55 -16.31
N VAL A 61 35.22 -7.30 -17.41
CA VAL A 61 34.27 -7.00 -18.48
C VAL A 61 32.85 -7.16 -17.99
N VAL A 62 32.61 -8.14 -17.13
CA VAL A 62 31.26 -8.38 -16.62
C VAL A 62 30.75 -7.16 -15.85
N PHE A 63 31.62 -6.54 -15.05
CA PHE A 63 31.22 -5.33 -14.32
C PHE A 63 30.96 -4.18 -15.27
N VAL A 64 31.81 -4.02 -16.30
CA VAL A 64 31.63 -2.91 -17.25
C VAL A 64 30.43 -3.16 -18.14
N THR A 65 30.22 -4.43 -18.54
CA THR A 65 29.08 -4.76 -19.41
C THR A 65 27.77 -4.48 -18.71
N LEU A 66 27.56 -5.07 -17.53
CA LEU A 66 26.31 -4.88 -16.82
C LEU A 66 26.11 -3.43 -16.41
N GLY A 67 27.19 -2.70 -16.14
CA GLY A 67 27.08 -1.28 -15.88
C GLY A 67 26.58 -0.51 -17.10
N VAL A 68 26.95 -0.97 -18.30
CA VAL A 68 26.47 -0.33 -19.51
C VAL A 68 25.01 -0.67 -19.78
N ILE A 69 24.64 -1.95 -19.62
CA ILE A 69 23.23 -2.33 -19.77
C ILE A 69 22.37 -1.59 -18.76
N SER A 70 22.84 -1.49 -17.51
CA SER A 70 22.10 -0.73 -16.51
C SER A 70 22.11 0.76 -16.81
N LEU A 71 23.15 1.24 -17.49
CA LEU A 71 23.20 2.64 -17.88
C LEU A 71 22.09 2.96 -18.88
N LEU A 72 22.09 2.28 -20.02
CA LEU A 72 21.09 2.57 -21.05
C LEU A 72 19.68 2.30 -20.57
N GLU A 73 19.50 1.32 -19.68
CA GLU A 73 18.16 0.99 -19.19
C GLU A 73 17.59 2.10 -18.32
N ASN A 74 18.40 2.67 -17.44
CA ASN A 74 17.87 3.61 -16.46
C ASN A 74 17.72 5.01 -17.03
N ILE A 75 18.54 5.41 -18.00
CA ILE A 75 18.29 6.68 -18.68
C ILE A 75 16.99 6.59 -19.48
N LEU A 76 16.72 5.43 -20.08
CA LEU A 76 15.45 5.21 -20.76
C LEU A 76 14.29 5.39 -19.80
N VAL A 77 14.44 4.92 -18.55
CA VAL A 77 13.39 5.10 -17.56
C VAL A 77 13.22 6.58 -17.23
N ILE A 78 14.33 7.30 -17.07
CA ILE A 78 14.25 8.71 -16.68
C ILE A 78 13.75 9.55 -17.86
N VAL A 79 14.21 9.25 -19.07
CA VAL A 79 13.76 10.00 -20.24
C VAL A 79 12.27 9.80 -20.47
N ALA A 80 11.78 8.58 -20.24
CA ALA A 80 10.38 8.28 -20.51
C ALA A 80 9.45 9.05 -19.56
N ILE A 81 9.74 9.01 -18.26
CA ILE A 81 8.90 9.70 -17.28
C ILE A 81 8.96 11.21 -17.51
N ALA A 82 10.13 11.73 -17.86
CA ALA A 82 10.26 13.16 -18.08
C ALA A 82 9.51 13.60 -19.34
N LYS A 83 9.53 12.78 -20.39
CA LYS A 83 8.91 13.15 -21.65
C LYS A 83 7.42 12.86 -21.70
N ASN A 84 6.88 12.17 -20.71
CA ASN A 84 5.46 11.78 -20.71
C ASN A 84 4.77 12.51 -19.56
N LYS A 85 3.87 13.43 -19.90
CA LYS A 85 3.09 14.13 -18.89
C LYS A 85 2.11 13.21 -18.17
N ASN A 86 1.79 12.06 -18.75
CA ASN A 86 0.91 11.09 -18.11
C ASN A 86 1.58 10.36 -16.95
N LEU A 87 2.88 10.57 -16.74
CA LEU A 87 3.61 9.98 -15.63
C LEU A 87 4.09 11.03 -14.63
N HIS A 88 3.53 12.24 -14.68
CA HIS A 88 3.92 13.32 -13.79
C HIS A 88 3.18 13.24 -12.46
N SER A 89 3.36 12.10 -11.79
CA SER A 89 2.74 11.83 -10.50
C SER A 89 3.82 11.61 -9.46
N PRO A 90 3.50 11.79 -8.17
CA PRO A 90 4.54 11.60 -7.13
C PRO A 90 5.16 10.22 -7.13
N MET A 91 4.39 9.17 -7.43
CA MET A 91 4.95 7.82 -7.40
C MET A 91 6.03 7.65 -8.47
N TYR A 92 5.74 8.11 -9.70
CA TYR A 92 6.74 7.99 -10.77
C TYR A 92 7.93 8.90 -10.54
N PHE A 93 7.72 10.02 -9.83
CA PHE A 93 8.85 10.87 -9.47
C PHE A 93 9.77 10.17 -8.47
N PHE A 94 9.19 9.44 -7.52
CA PHE A 94 10.00 8.66 -6.60
C PHE A 94 10.66 7.47 -7.31
N ILE A 95 10.00 6.93 -8.33
CA ILE A 95 10.63 5.90 -9.15
C ILE A 95 11.80 6.48 -9.92
N CYS A 96 11.67 7.73 -10.38
CA CYS A 96 12.76 8.38 -11.09
C CYS A 96 13.99 8.54 -10.20
N SER A 97 13.78 8.90 -8.94
CA SER A 97 14.90 9.01 -8.01
C SER A 97 15.51 7.65 -7.69
N LEU A 98 14.69 6.59 -7.72
CA LEU A 98 15.23 5.25 -7.53
C LEU A 98 16.05 4.82 -8.74
N ALA A 99 15.64 5.25 -9.94
CA ALA A 99 16.42 4.93 -11.14
C ALA A 99 17.76 5.64 -11.14
N VAL A 100 17.80 6.87 -10.60
CA VAL A 100 19.07 7.60 -10.52
C VAL A 100 20.02 6.90 -9.56
N ALA A 101 19.52 6.54 -8.37
CA ALA A 101 20.35 5.81 -7.41
C ALA A 101 20.73 4.44 -7.94
N ASP A 102 19.91 3.87 -8.83
CA ASP A 102 20.22 2.57 -9.41
C ASP A 102 21.41 2.65 -10.35
N MET A 103 21.40 3.62 -11.27
CA MET A 103 22.48 3.73 -12.24
C MET A 103 23.77 4.21 -11.59
N LEU A 104 23.67 5.11 -10.61
CA LEU A 104 24.86 5.61 -9.93
C LEU A 104 25.61 4.49 -9.22
N VAL A 105 24.89 3.47 -8.74
CA VAL A 105 25.55 2.32 -8.13
C VAL A 105 26.25 1.47 -9.18
N SER A 106 25.55 1.18 -10.28
CA SER A 106 26.12 0.33 -11.32
C SER A 106 27.23 1.05 -12.08
N VAL A 107 27.06 2.35 -12.33
CA VAL A 107 28.09 3.09 -13.05
C VAL A 107 29.36 3.20 -12.21
N SER A 108 29.20 3.46 -10.91
CA SER A 108 30.38 3.56 -10.04
C SER A 108 31.11 2.23 -9.92
N LEU A 109 30.36 1.13 -9.84
CA LEU A 109 31.00 -0.18 -9.76
C LEU A 109 31.71 -0.53 -11.07
N GLY A 110 31.10 -0.20 -12.21
CA GLY A 110 31.78 -0.38 -13.48
C GLY A 110 32.95 0.56 -13.65
N PHE A 111 32.81 1.79 -13.15
CA PHE A 111 33.93 2.74 -13.18
C PHE A 111 35.04 2.30 -12.24
N GLU A 112 34.71 1.64 -11.13
CA GLU A 112 35.72 1.21 -10.17
C GLU A 112 36.58 0.10 -10.74
N THR A 113 35.97 -0.89 -11.41
CA THR A 113 36.74 -1.97 -12.00
C THR A 113 37.60 -1.48 -13.16
N ILE A 114 37.10 -0.51 -13.93
CA ILE A 114 37.92 0.10 -14.97
C ILE A 114 39.11 0.83 -14.35
N VAL A 115 38.86 1.54 -13.25
CA VAL A 115 39.94 2.26 -12.58
C VAL A 115 40.96 1.27 -12.02
N ILE A 116 40.50 0.30 -11.22
CA ILE A 116 41.40 -0.65 -10.57
C ILE A 116 42.31 -1.33 -11.59
N THR A 117 41.77 -1.65 -12.76
CA THR A 117 42.59 -2.27 -13.80
C THR A 117 43.65 -1.32 -14.34
N LEU A 118 43.42 -0.01 -14.26
CA LEU A 118 44.38 0.95 -14.79
C LEU A 118 45.61 1.04 -13.90
N LEU A 119 45.43 1.11 -12.58
CA LEU A 119 46.58 1.13 -11.68
C LEU A 119 47.23 -0.24 -11.52
N ASN A 120 46.66 -1.28 -12.13
CA ASN A 120 47.34 -2.57 -12.24
C ASN A 120 48.34 -2.60 -13.37
N SER A 121 48.58 -1.47 -14.04
CA SER A 121 49.53 -1.33 -15.12
C SER A 121 50.50 -0.17 -14.90
N THR A 122 50.02 0.94 -14.33
CA THR A 122 50.89 2.08 -14.07
C THR A 122 51.85 1.78 -12.91
N ASP A 123 51.29 1.50 -11.73
CA ASP A 123 52.08 1.16 -10.54
C ASP A 123 53.12 2.22 -10.21
N ALA A 126 50.54 6.78 -7.21
CA ALA A 126 50.68 7.24 -5.85
C ALA A 126 49.62 6.60 -4.95
N GLN A 127 50.00 6.30 -3.71
CA GLN A 127 49.06 5.70 -2.76
C GLN A 127 47.98 6.68 -2.32
N SER A 128 48.25 7.98 -2.39
CA SER A 128 47.25 8.97 -1.99
C SER A 128 46.15 9.12 -3.03
N PHE A 129 46.47 8.91 -4.31
CA PHE A 129 45.45 8.99 -5.35
C PHE A 129 44.47 7.83 -5.26
N THR A 130 44.96 6.65 -4.86
CA THR A 130 44.07 5.50 -4.70
C THR A 130 43.03 5.76 -3.62
N VAL A 131 43.47 6.17 -2.44
CA VAL A 131 42.56 6.39 -1.32
C VAL A 131 41.54 7.46 -1.67
N ASN A 132 41.97 8.51 -2.37
CA ASN A 132 41.05 9.59 -2.72
C ASN A 132 39.99 9.12 -3.70
N ILE A 133 40.40 8.44 -4.78
CA ILE A 133 39.44 7.96 -5.76
C ILE A 133 38.61 6.80 -5.22
N ASP A 134 39.14 6.07 -4.23
CA ASP A 134 38.37 4.99 -3.62
C ASP A 134 37.29 5.54 -2.70
N ASN A 135 37.64 6.52 -1.86
CA ASN A 135 36.66 7.12 -0.98
C ASN A 135 35.59 7.88 -1.75
N VAL A 136 35.91 8.36 -2.94
CA VAL A 136 34.93 9.09 -3.74
C VAL A 136 33.95 8.13 -4.40
N ILE A 137 34.46 7.04 -4.98
CA ILE A 137 33.60 6.04 -5.60
C ILE A 137 32.70 5.41 -4.54
N ASP A 138 33.29 4.99 -3.42
CA ASP A 138 32.52 4.32 -2.39
C ASP A 138 31.49 5.24 -1.75
N SER A 139 31.78 6.54 -1.68
CA SER A 139 30.82 7.48 -1.12
C SER A 139 29.61 7.66 -2.04
N VAL A 140 29.86 7.67 -3.35
CA VAL A 140 28.75 7.75 -4.31
C VAL A 140 27.88 6.51 -4.21
N ILE A 141 28.51 5.34 -4.08
CA ILE A 141 27.76 4.09 -3.92
C ILE A 141 26.96 4.11 -2.62
N CYS A 142 27.61 4.52 -1.53
CA CYS A 142 26.94 4.54 -0.23
C CYS A 142 25.78 5.52 -0.24
N ALA A 143 25.97 6.71 -0.81
CA ALA A 143 24.89 7.70 -0.86
C ALA A 143 23.74 7.20 -1.73
N SER A 144 24.06 6.57 -2.87
CA SER A 144 23.01 6.07 -3.74
C SER A 144 22.26 4.90 -3.10
N LEU A 145 22.96 4.07 -2.33
CA LEU A 145 22.30 2.99 -1.62
C LEU A 145 21.32 3.53 -0.59
N LEU A 146 21.73 4.55 0.16
CA LEU A 146 20.82 5.18 1.11
C LEU A 146 19.64 5.82 0.38
N ALA A 147 19.91 6.48 -0.75
CA ALA A 147 18.83 7.03 -1.56
C ALA A 147 17.97 5.94 -2.16
N SER A 148 18.57 4.79 -2.50
CA SER A 148 17.80 3.66 -2.99
C SER A 148 16.77 3.20 -1.96
N ILE A 149 17.14 3.22 -0.69
CA ILE A 149 16.22 2.82 0.36
C ILE A 149 15.18 3.90 0.62
N CYS A 150 15.62 5.17 0.64
CA CYS A 150 14.68 6.26 0.90
C CYS A 150 13.64 6.38 -0.21
N SER A 151 14.05 6.16 -1.46
CA SER A 151 13.10 6.19 -2.56
C SER A 151 12.08 5.06 -2.44
N LEU A 152 12.54 3.86 -2.08
CA LEU A 152 11.62 2.74 -1.92
C LEU A 152 10.63 3.00 -0.79
N LEU A 153 11.11 3.52 0.34
CA LEU A 153 10.21 3.86 1.44
C LEU A 153 9.29 5.00 1.06
N SER A 154 9.75 5.92 0.22
CA SER A 154 8.88 7.00 -0.24
C SER A 154 7.77 6.48 -1.15
N ILE A 155 8.04 5.43 -1.92
CA ILE A 155 6.99 4.80 -2.71
C ILE A 155 5.99 4.11 -1.79
N ALA A 156 6.47 3.52 -0.70
CA ALA A 156 5.57 2.88 0.26
C ALA A 156 4.67 3.92 0.92
N VAL A 157 5.24 5.03 1.37
CA VAL A 157 4.44 6.12 1.93
C VAL A 157 3.46 6.65 0.88
N ASP A 158 3.91 6.72 -0.38
CA ASP A 158 3.02 7.14 -1.45
C ASP A 158 1.85 6.16 -1.60
N ARG A 159 2.14 4.87 -1.57
CA ARG A 159 1.09 3.86 -1.78
C ARG A 159 0.10 3.83 -0.62
N TYR A 160 0.59 3.95 0.62
CA TYR A 160 -0.29 3.92 1.78
C TYR A 160 -1.28 5.08 1.75
N PHE A 161 -0.82 6.27 1.39
CA PHE A 161 -1.69 7.44 1.40
C PHE A 161 -2.57 7.51 0.15
N THR A 162 -2.07 7.04 -0.99
CA THR A 162 -2.89 6.99 -2.20
C THR A 162 -4.03 5.99 -2.09
N ILE A 163 -3.99 5.10 -1.10
CA ILE A 163 -5.02 4.08 -0.91
C ILE A 163 -6.07 4.52 0.09
N PHE A 164 -5.64 5.10 1.22
CA PHE A 164 -6.56 5.45 2.30
C PHE A 164 -6.95 6.92 2.32
N TYR A 165 -6.08 7.82 1.84
CA TYR A 165 -6.37 9.26 1.79
C TYR A 165 -5.98 9.80 0.42
N ALA A 166 -6.62 9.26 -0.62
CA ALA A 166 -6.20 9.57 -1.99
C ALA A 166 -6.41 11.03 -2.34
N LEU A 167 -7.63 11.54 -2.10
CA LEU A 167 -7.92 12.94 -2.45
C LEU A 167 -7.04 13.90 -1.67
N GLN A 168 -6.86 13.64 -0.36
CA GLN A 168 -6.03 14.52 0.46
C GLN A 168 -4.58 14.48 -0.02
N TYR A 169 -3.94 13.31 0.05
CA TYR A 169 -2.53 13.17 -0.29
C TYR A 169 -2.18 13.78 -1.64
N HIS A 170 -3.13 13.78 -2.58
CA HIS A 170 -2.90 14.41 -3.88
C HIS A 170 -2.73 15.92 -3.76
N ASN A 171 -3.34 16.52 -2.74
CA ASN A 171 -3.32 17.98 -2.63
C ASN A 171 -2.02 18.50 -2.02
N ILE A 172 -1.50 17.82 -1.00
CA ILE A 172 -0.24 18.25 -0.41
C ILE A 172 0.93 17.98 -1.37
N MET A 173 0.90 16.82 -2.04
CA MET A 173 2.02 16.40 -2.89
C MET A 173 1.86 17.04 -4.27
N THR A 174 2.08 18.35 -4.31
CA THR A 174 2.12 19.06 -5.57
C THR A 174 3.43 18.78 -6.29
N VAL A 175 3.50 19.21 -7.55
CA VAL A 175 4.71 19.00 -8.35
C VAL A 175 5.90 19.72 -7.71
N LYS A 176 5.63 20.80 -6.97
CA LYS A 176 6.69 21.41 -6.17
C LYS A 176 7.12 20.48 -5.05
N ARG A 177 6.16 20.01 -4.24
CA ARG A 177 6.48 19.30 -3.00
C ARG A 177 7.35 18.07 -3.24
N VAL A 178 7.10 17.34 -4.33
CA VAL A 178 7.94 16.19 -4.64
C VAL A 178 9.38 16.64 -4.85
N GLY A 179 9.57 17.84 -5.42
CA GLY A 179 10.92 18.31 -5.69
C GLY A 179 11.72 18.54 -4.43
N ILE A 180 11.11 19.17 -3.41
CA ILE A 180 11.85 19.43 -2.18
C ILE A 180 12.13 18.14 -1.44
N ILE A 181 11.16 17.22 -1.39
CA ILE A 181 11.34 15.97 -0.67
C ILE A 181 12.43 15.12 -1.33
N ILE A 182 12.39 15.00 -2.65
CA ILE A 182 13.41 14.21 -3.35
C ILE A 182 14.78 14.86 -3.20
N SER A 183 14.84 16.19 -3.25
CA SER A 183 16.11 16.88 -3.05
C SER A 183 16.59 16.76 -1.62
N CYS A 184 15.67 16.83 -0.64
CA CYS A 184 16.06 16.68 0.74
C CYS A 184 16.56 15.27 1.04
N ILE A 185 15.99 14.26 0.36
CA ILE A 185 16.44 12.90 0.55
C ILE A 185 17.88 12.74 0.05
N TRP A 186 18.16 13.26 -1.14
CA TRP A 186 19.50 13.12 -1.71
C TRP A 186 20.52 13.96 -0.96
N ALA A 187 20.09 15.09 -0.37
CA ALA A 187 21.01 15.90 0.41
C ALA A 187 21.44 15.18 1.68
N ALA A 188 20.48 14.60 2.40
CA ALA A 188 20.81 13.87 3.62
C ALA A 188 21.54 12.57 3.31
N CYS A 189 21.28 11.96 2.16
CA CYS A 189 21.95 10.72 1.80
C CYS A 189 23.39 10.96 1.39
N THR A 190 23.65 12.01 0.61
CA THR A 190 25.02 12.32 0.21
C THR A 190 25.86 12.72 1.42
N VAL A 191 25.26 13.44 2.37
CA VAL A 191 25.99 13.80 3.59
C VAL A 191 26.26 12.56 4.42
N SER A 192 25.25 11.71 4.60
CA SER A 192 25.45 10.50 5.38
C SER A 192 26.38 9.52 4.69
N GLY A 193 26.33 9.47 3.36
CA GLY A 193 27.21 8.58 2.63
C GLY A 193 28.68 8.93 2.79
N ILE A 194 28.99 10.23 2.76
CA ILE A 194 30.37 10.66 2.98
C ILE A 194 30.79 10.35 4.41
N LEU A 195 29.93 10.63 5.39
CA LEU A 195 30.26 10.35 6.78
C LEU A 195 30.41 8.85 7.02
N PHE A 196 29.66 8.03 6.28
CA PHE A 196 29.73 6.59 6.46
C PHE A 196 31.06 6.04 5.97
N ILE A 197 31.52 6.50 4.81
CA ILE A 197 32.77 6.00 4.24
C ILE A 197 33.96 6.47 5.05
N ILE A 198 33.89 7.69 5.60
CA ILE A 198 34.96 8.17 6.48
C ILE A 198 35.14 7.23 7.66
N TYR A 199 34.03 6.83 8.28
CA TYR A 199 34.03 5.90 9.40
C TYR A 199 33.54 4.52 8.97
N SER A 200 33.92 4.10 7.75
CA SER A 200 33.62 2.76 7.30
C SER A 200 34.24 1.69 8.19
N ASP A 201 35.15 2.07 9.08
CA ASP A 201 35.75 1.16 10.04
C ASP A 201 35.08 1.20 11.41
N SER A 202 34.02 1.99 11.57
CA SER A 202 33.32 2.06 12.85
C SER A 202 32.23 1.01 12.90
N SER A 203 32.07 0.38 14.07
CA SER A 203 30.99 -0.59 14.25
C SER A 203 29.62 0.07 14.23
N ALA A 204 29.55 1.40 14.40
CA ALA A 204 28.26 2.07 14.34
C ALA A 204 27.76 2.19 12.91
N VAL A 205 28.66 2.38 11.95
CA VAL A 205 28.26 2.54 10.55
C VAL A 205 27.79 1.22 9.99
N ILE A 206 28.55 0.14 10.23
CA ILE A 206 28.18 -1.17 9.70
C ILE A 206 26.88 -1.66 10.32
N ILE A 207 26.66 -1.37 11.61
CA ILE A 207 25.41 -1.74 12.25
C ILE A 207 24.27 -0.89 11.71
N CYS A 208 24.55 0.38 11.42
CA CYS A 208 23.52 1.25 10.84
C CYS A 208 23.07 0.75 9.48
N LEU A 209 24.03 0.36 8.64
CA LEU A 209 23.67 -0.19 7.32
C LEU A 209 22.93 -1.51 7.48
N ILE A 210 23.35 -2.34 8.44
CA ILE A 210 22.68 -3.62 8.66
C ILE A 210 21.25 -3.40 9.15
N THR A 211 21.05 -2.44 10.05
CA THR A 211 19.72 -2.20 10.59
C THR A 211 18.76 -1.73 9.51
N MET A 212 19.22 -0.92 8.58
CA MET A 212 18.36 -0.44 7.50
C MET A 212 17.98 -1.55 6.53
N PHE A 213 18.80 -2.60 6.42
CA PHE A 213 18.41 -3.74 5.59
C PHE A 213 17.35 -4.59 6.28
N PHE A 214 17.49 -4.77 7.60
CA PHE A 214 16.50 -5.55 8.34
C PHE A 214 15.14 -4.87 8.36
N THR A 215 15.12 -3.53 8.34
CA THR A 215 13.84 -2.83 8.27
C THR A 215 13.18 -3.03 6.92
N MET A 216 13.97 -2.98 5.83
CA MET A 216 13.43 -3.29 4.51
C MET A 216 12.98 -4.74 4.43
N LEU A 217 13.68 -5.64 5.13
CA LEU A 217 13.25 -7.04 5.18
C LEU A 217 11.93 -7.16 5.95
N ALA A 218 11.83 -6.50 7.10
CA ALA A 218 10.60 -6.56 7.88
C ALA A 218 9.44 -5.89 7.14
N LEU A 219 9.73 -4.85 6.35
CA LEU A 219 8.68 -4.22 5.56
C LEU A 219 8.23 -5.11 4.42
N MET A 220 9.17 -5.81 3.77
CA MET A 220 8.81 -6.75 2.72
C MET A 220 7.99 -7.91 3.29
N ALA A 221 8.34 -8.36 4.49
CA ALA A 221 7.55 -9.42 5.13
C ALA A 221 6.16 -8.93 5.47
N SER A 222 6.03 -7.67 5.91
CA SER A 222 4.71 -7.12 6.23
C SER A 222 3.85 -7.02 4.98
N LEU A 223 4.42 -6.51 3.88
CA LEU A 223 3.65 -6.37 2.65
C LEU A 223 3.31 -7.72 2.04
N TYR A 224 4.13 -8.75 2.28
CA TYR A 224 3.84 -10.04 1.69
C TYR A 224 2.65 -10.72 2.37
N VAL A 225 2.60 -10.69 3.70
CA VAL A 225 1.47 -11.28 4.41
C VAL A 225 0.19 -10.47 4.20
N HIS A 226 0.31 -9.18 3.86
CA HIS A 226 -0.88 -8.35 3.66
C HIS A 226 -1.46 -8.55 2.27
N MET A 227 -0.63 -8.43 1.23
CA MET A 227 -1.10 -8.44 -0.15
C MET A 227 -1.17 -9.83 -0.77
N PHE A 228 -0.68 -10.86 -0.08
CA PHE A 228 -0.69 -12.21 -0.64
C PHE A 228 -1.28 -13.24 0.33
N LEU A 229 -0.76 -13.34 1.55
CA LEU A 229 -1.34 -14.25 2.52
C LEU A 229 -2.76 -13.84 2.89
N MET A 230 -2.91 -12.64 3.45
CA MET A 230 -4.22 -12.10 3.78
C MET A 230 -4.79 -11.23 2.68
N ALA A 231 -4.36 -11.42 1.43
CA ALA A 231 -4.97 -10.73 0.30
C ALA A 231 -6.46 -10.98 0.22
N ARG A 232 -6.92 -12.01 0.92
CA ARG A 232 -8.26 -12.56 0.78
C ARG A 232 -9.12 -12.29 2.01
N LEU A 233 -8.54 -11.73 3.07
CA LEU A 233 -9.28 -11.34 4.27
C LEU A 233 -9.81 -9.91 4.19
N HIS A 234 -9.12 -9.03 3.48
CA HIS A 234 -9.54 -7.65 3.33
C HIS A 234 -9.82 -7.23 1.90
N GLY A 235 -9.68 -8.16 0.94
CA GLY A 235 -9.95 -7.83 -0.45
C GLY A 235 -11.42 -7.89 -0.76
N ILE A 236 -11.92 -6.87 -1.46
CA ILE A 236 -13.33 -6.78 -1.83
C ILE A 236 -13.56 -7.56 -3.10
N ASP A 237 -14.53 -8.47 -3.08
CA ASP A 237 -14.90 -9.24 -4.25
C ASP A 237 -15.92 -8.47 -5.09
N SER A 239 -16.79 -9.11 -8.14
CA SER A 239 -17.51 -10.02 -9.03
C SER A 239 -18.83 -10.46 -8.40
N PHE A 240 -18.86 -10.49 -7.07
CA PHE A 240 -20.04 -10.87 -6.31
C PHE A 240 -20.82 -9.66 -5.79
N TRP A 241 -20.13 -8.72 -5.14
CA TRP A 241 -20.77 -7.53 -4.60
C TRP A 241 -20.88 -6.49 -5.71
N ASN A 242 -21.93 -6.65 -6.52
CA ASN A 242 -22.17 -5.79 -7.67
C ASN A 242 -23.61 -5.34 -7.68
N GLU A 243 -23.83 -4.08 -8.10
CA GLU A 243 -25.18 -3.57 -8.24
C GLU A 243 -25.95 -4.25 -9.36
N SER A 244 -25.24 -4.82 -10.34
CA SER A 244 -25.89 -5.45 -11.49
C SER A 244 -26.70 -6.68 -11.09
N TYR A 245 -26.47 -7.23 -9.90
CA TYR A 245 -27.28 -8.33 -9.40
C TYR A 245 -28.60 -7.86 -8.84
N LEU A 246 -28.86 -6.56 -8.85
CA LEU A 246 -30.11 -5.98 -8.36
C LEU A 246 -30.97 -5.54 -9.55
N THR A 247 -32.27 -5.47 -9.30
CA THR A 247 -33.23 -5.01 -10.30
C THR A 247 -34.07 -3.88 -9.71
N GLY A 248 -34.56 -3.01 -10.59
CA GLY A 248 -35.41 -1.92 -10.17
C GLY A 248 -34.64 -0.82 -9.44
N SER A 249 -35.41 0.09 -8.87
CA SER A 249 -34.85 1.21 -8.13
C SER A 249 -34.61 0.82 -6.68
N ARG A 250 -34.00 1.73 -5.91
CA ARG A 250 -33.71 1.43 -4.51
C ARG A 250 -34.99 1.38 -3.68
N ASP A 251 -35.86 2.39 -3.82
CA ASP A 251 -37.11 2.40 -3.08
C ASP A 251 -38.01 1.24 -3.51
N GLU A 252 -37.88 0.79 -4.76
CA GLU A 252 -38.60 -0.40 -5.21
C GLU A 252 -38.23 -1.62 -4.38
N ARG A 253 -36.92 -1.88 -4.26
CA ARG A 253 -36.47 -3.03 -3.47
C ARG A 253 -36.72 -2.82 -1.99
N LYS A 254 -36.55 -1.59 -1.50
CA LYS A 254 -36.75 -1.32 -0.07
C LYS A 254 -38.22 -1.49 0.32
N LYS A 255 -39.14 -0.98 -0.50
CA LYS A 255 -40.56 -1.16 -0.21
C LYS A 255 -40.95 -2.63 -0.28
N SER A 256 -40.43 -3.36 -1.27
CA SER A 256 -40.69 -4.78 -1.35
C SER A 256 -40.05 -5.54 -0.19
N LEU A 257 -38.90 -5.08 0.29
CA LEU A 257 -38.25 -5.74 1.42
C LEU A 257 -39.01 -5.46 2.72
N LEU A 258 -39.41 -4.21 2.94
CA LEU A 258 -40.16 -3.88 4.15
C LEU A 258 -41.54 -4.50 4.14
N SER A 259 -42.09 -4.79 2.95
CA SER A 259 -43.36 -5.49 2.88
C SER A 259 -43.20 -6.98 3.13
N LYS A 260 -42.04 -7.55 2.81
CA LYS A 260 -41.78 -8.95 3.10
C LYS A 260 -41.83 -9.23 4.60
N PHE A 261 -41.40 -8.28 5.41
CA PHE A 261 -41.44 -8.39 6.86
C PHE A 261 -42.71 -7.78 7.45
N GLY A 262 -43.68 -7.43 6.61
CA GLY A 262 -44.92 -6.84 7.07
C GLY A 262 -44.71 -5.56 7.85
N MET A 263 -44.10 -4.56 7.22
CA MET A 263 -43.72 -3.33 7.90
C MET A 263 -43.98 -2.14 6.99
N ASP A 264 -44.15 -0.98 7.63
CA ASP A 264 -44.38 0.27 6.93
C ASP A 264 -43.08 0.82 6.38
N GLU A 265 -43.19 1.80 5.48
CA GLU A 265 -42.03 2.37 4.80
C GLU A 265 -41.39 3.46 5.66
N GLY A 266 -40.09 3.32 5.88
CA GLY A 266 -39.34 4.28 6.66
C GLY A 266 -37.85 4.08 6.45
N VAL A 267 -37.07 4.96 7.07
CA VAL A 267 -35.61 4.86 6.98
C VAL A 267 -35.16 3.56 7.63
N THR A 268 -34.49 2.72 6.85
CA THR A 268 -34.16 1.36 7.26
C THR A 268 -32.70 1.28 7.70
N PHE A 269 -32.47 0.81 8.92
CA PHE A 269 -31.14 0.54 9.45
C PHE A 269 -31.00 -0.95 9.67
N MET A 270 -29.88 -1.52 9.23
CA MET A 270 -29.69 -2.95 9.21
C MET A 270 -28.39 -3.32 9.92
N PHE A 271 -28.47 -4.36 10.77
CA PHE A 271 -27.31 -4.93 11.42
C PHE A 271 -27.22 -6.41 11.08
N ILE A 272 -26.01 -6.89 10.83
CA ILE A 272 -25.75 -8.29 10.57
C ILE A 272 -24.41 -8.66 11.19
N GLY A 273 -24.39 -9.73 11.97
CA GLY A 273 -23.17 -10.16 12.61
C GLY A 273 -23.45 -11.21 13.67
N ARG A 274 -22.53 -11.33 14.61
CA ARG A 274 -22.64 -12.29 15.70
C ARG A 274 -23.18 -11.61 16.95
N PHE A 275 -23.96 -12.36 17.72
CA PHE A 275 -24.56 -11.86 18.96
C PHE A 275 -23.61 -12.20 20.10
N ASP A 276 -22.78 -11.24 20.49
CA ASP A 276 -21.80 -11.43 21.55
C ASP A 276 -21.66 -10.14 22.35
N ARG A 277 -20.96 -10.24 23.48
CA ARG A 277 -20.75 -9.11 24.38
C ARG A 277 -19.28 -8.70 24.31
N GLY A 278 -19.02 -7.56 23.69
CA GLY A 278 -17.67 -7.04 23.62
C GLY A 278 -16.91 -7.39 22.36
N GLN A 279 -17.60 -7.59 21.24
CA GLN A 279 -16.95 -7.86 19.96
C GLN A 279 -17.63 -7.10 18.84
N LYS A 280 -18.64 -7.74 18.24
CA LYS A 280 -19.36 -7.13 17.12
C LYS A 280 -20.26 -5.99 17.56
N GLY A 281 -20.62 -5.93 18.85
CA GLY A 281 -21.31 -4.78 19.39
C GLY A 281 -22.81 -4.75 19.19
N VAL A 282 -23.46 -5.91 19.11
CA VAL A 282 -24.91 -5.91 19.03
C VAL A 282 -25.55 -5.45 20.33
N ASP A 283 -24.84 -5.60 21.46
CA ASP A 283 -25.34 -5.07 22.72
C ASP A 283 -25.42 -3.55 22.69
N VAL A 284 -24.51 -2.89 21.96
CA VAL A 284 -24.57 -1.44 21.84
C VAL A 284 -25.79 -1.01 21.03
N LEU A 285 -26.08 -1.73 19.95
CA LEU A 285 -27.22 -1.37 19.10
C LEU A 285 -28.54 -1.59 19.82
N LEU A 286 -28.66 -2.69 20.57
CA LEU A 286 -29.89 -2.95 21.31
C LEU A 286 -30.14 -1.85 22.34
N LYS A 287 -29.08 -1.39 23.01
CA LYS A 287 -29.23 -0.28 23.95
C LYS A 287 -29.54 1.02 23.22
N ALA A 288 -29.01 1.20 22.02
CA ALA A 288 -29.30 2.41 21.25
C ALA A 288 -30.75 2.44 20.78
N ILE A 289 -31.30 1.28 20.42
CA ILE A 289 -32.71 1.22 20.04
C ILE A 289 -33.59 1.54 21.23
N GLU A 290 -33.25 1.02 22.41
CA GLU A 290 -34.01 1.31 23.62
C GLU A 290 -33.98 2.81 23.93
N ILE A 291 -32.84 3.47 23.65
CA ILE A 291 -32.75 4.91 23.87
C ILE A 291 -33.68 5.65 22.92
N LEU A 292 -33.61 5.31 21.63
CA LEU A 292 -34.42 6.00 20.63
C LEU A 292 -35.90 5.65 20.74
N SER A 293 -36.24 4.51 21.34
CA SER A 293 -37.63 4.05 21.36
C SER A 293 -38.54 5.05 22.07
N SER A 294 -38.03 5.80 23.03
CA SER A 294 -38.83 6.76 23.77
C SER A 294 -38.97 8.10 23.04
N LYS A 295 -38.30 8.28 21.91
CA LYS A 295 -38.33 9.53 21.17
C LYS A 295 -39.36 9.47 20.04
N LYS A 296 -39.79 10.65 19.59
CA LYS A 296 -40.78 10.72 18.53
C LYS A 296 -40.21 10.37 17.16
N GLU A 297 -38.89 10.51 16.98
CA GLU A 297 -38.26 10.17 15.72
C GLU A 297 -38.16 8.66 15.49
N PHE A 298 -38.44 7.86 16.52
CA PHE A 298 -38.32 6.41 16.40
C PHE A 298 -39.32 5.83 15.40
N GLN A 299 -40.46 6.51 15.21
CA GLN A 299 -41.51 5.97 14.36
C GLN A 299 -41.15 6.00 12.88
N GLU A 300 -40.25 6.89 12.48
CA GLU A 300 -39.80 6.97 11.09
C GLU A 300 -38.64 6.04 10.79
N MET A 301 -38.18 5.26 11.76
CA MET A 301 -37.04 4.37 11.57
C MET A 301 -37.51 2.92 11.47
N ARG A 302 -36.73 2.12 10.75
CA ARG A 302 -36.98 0.70 10.61
C ARG A 302 -35.67 -0.05 10.85
N PHE A 303 -35.72 -1.08 11.68
CA PHE A 303 -34.53 -1.79 12.12
C PHE A 303 -34.63 -3.27 11.78
N ILE A 304 -33.62 -3.77 11.08
CA ILE A 304 -33.51 -5.19 10.72
C ILE A 304 -32.22 -5.71 11.35
N ILE A 305 -32.37 -6.52 12.39
CA ILE A 305 -31.24 -7.07 13.13
C ILE A 305 -31.15 -8.56 12.80
N ILE A 306 -30.00 -8.96 12.24
CA ILE A 306 -29.77 -10.32 11.80
C ILE A 306 -28.54 -10.85 12.52
N GLY A 307 -28.66 -12.02 13.14
CA GLY A 307 -27.54 -12.61 13.83
C GLY A 307 -27.96 -13.69 14.79
N LYS A 308 -27.02 -14.57 15.09
CA LYS A 308 -27.18 -15.67 16.02
C LYS A 308 -25.99 -15.70 16.96
N GLY A 309 -26.24 -16.05 18.22
CA GLY A 309 -25.15 -16.14 19.18
C GLY A 309 -25.60 -16.26 20.63
N ASP A 310 -25.37 -15.20 21.40
CA ASP A 310 -25.71 -15.20 22.82
C ASP A 310 -27.21 -15.39 22.99
N PRO A 311 -27.66 -16.47 23.64
CA PRO A 311 -29.11 -16.71 23.74
C PRO A 311 -29.83 -15.66 24.56
N GLU A 312 -29.16 -15.03 25.53
CA GLU A 312 -29.79 -13.95 26.28
C GLU A 312 -29.75 -12.62 25.54
N LEU A 313 -28.94 -12.50 24.49
CA LEU A 313 -28.87 -11.28 23.72
C LEU A 313 -29.93 -11.26 22.63
N GLU A 314 -30.22 -12.42 22.03
CA GLU A 314 -31.32 -12.50 21.07
C GLU A 314 -32.66 -12.47 21.79
N GLY A 315 -32.75 -13.11 22.95
CA GLY A 315 -33.92 -12.95 23.79
C GLY A 315 -34.17 -11.50 24.14
N TRP A 316 -33.09 -10.74 24.36
CA TRP A 316 -33.22 -9.29 24.36
C TRP A 316 -33.77 -8.80 23.03
N ALA A 317 -33.07 -9.08 21.93
CA ALA A 317 -33.47 -8.59 20.62
C ALA A 317 -34.91 -9.02 20.27
N ARG A 318 -35.26 -10.27 20.54
CA ARG A 318 -36.61 -10.73 20.24
C ARG A 318 -37.65 -10.03 21.10
N SER A 319 -37.26 -9.59 22.31
CA SER A 319 -38.20 -8.89 23.18
C SER A 319 -38.55 -7.51 22.64
N LEU A 320 -37.57 -6.78 22.10
CA LEU A 320 -37.88 -5.50 21.46
C LEU A 320 -38.60 -5.69 20.12
N GLU A 321 -38.36 -6.82 19.44
CA GLU A 321 -39.12 -7.10 18.23
C GLU A 321 -40.61 -7.24 18.54
N GLU A 322 -40.93 -7.82 19.69
CA GLU A 322 -42.31 -7.96 20.14
C GLU A 322 -42.86 -6.69 20.79
N LYS A 323 -42.00 -5.76 21.16
CA LYS A 323 -42.41 -4.58 21.91
C LYS A 323 -42.81 -3.41 21.02
N HIS A 324 -42.17 -3.24 19.86
CA HIS A 324 -42.35 -2.06 19.03
C HIS A 324 -43.12 -2.38 17.76
N GLY A 325 -42.50 -3.04 16.78
CA GLY A 325 -43.20 -3.32 15.55
C GLY A 325 -42.40 -2.90 14.33
N ASN A 326 -41.64 -1.82 14.46
CA ASN A 326 -40.71 -1.38 13.43
C ASN A 326 -39.34 -2.01 13.59
N VAL A 327 -39.22 -3.06 14.41
CA VAL A 327 -37.98 -3.79 14.60
C VAL A 327 -38.23 -5.23 14.19
N LYS A 328 -37.40 -5.74 13.28
CA LYS A 328 -37.47 -7.12 12.83
C LYS A 328 -36.18 -7.83 13.17
N VAL A 329 -36.30 -9.03 13.76
CA VAL A 329 -35.15 -9.80 14.21
C VAL A 329 -35.15 -11.13 13.47
N ILE A 330 -34.00 -11.49 12.91
CA ILE A 330 -33.80 -12.74 12.20
C ILE A 330 -32.64 -13.45 12.90
N THR A 331 -32.96 -14.56 13.60
CA THR A 331 -31.97 -15.27 14.40
C THR A 331 -31.32 -16.44 13.65
N GLU A 332 -31.27 -16.37 12.33
CA GLU A 332 -30.56 -17.35 11.53
C GLU A 332 -29.52 -16.62 10.66
N MET A 333 -28.57 -17.39 10.14
CA MET A 333 -27.53 -16.83 9.28
C MET A 333 -27.97 -16.94 7.84
N LEU A 334 -28.27 -15.80 7.22
CA LEU A 334 -28.77 -15.75 5.86
C LEU A 334 -27.63 -15.92 4.86
N SER A 335 -28.00 -16.36 3.66
CA SER A 335 -27.02 -16.55 2.60
C SER A 335 -26.42 -15.22 2.16
N ARG A 336 -25.20 -15.28 1.62
CA ARG A 336 -24.53 -14.07 1.17
C ARG A 336 -25.28 -13.37 0.04
N GLU A 337 -26.12 -14.09 -0.70
CA GLU A 337 -26.91 -13.47 -1.76
C GLU A 337 -28.02 -12.62 -1.18
N PHE A 338 -28.67 -13.10 -0.11
CA PHE A 338 -29.67 -12.27 0.57
C PHE A 338 -29.02 -11.05 1.21
N VAL A 339 -27.84 -11.23 1.82
CA VAL A 339 -27.12 -10.09 2.39
C VAL A 339 -26.82 -9.07 1.30
N ARG A 340 -26.52 -9.54 0.09
CA ARG A 340 -26.28 -8.63 -1.02
C ARG A 340 -27.53 -7.83 -1.37
N GLU A 341 -28.69 -8.50 -1.40
CA GLU A 341 -29.93 -7.79 -1.70
C GLU A 341 -30.27 -6.79 -0.60
N LEU A 342 -30.05 -7.18 0.66
CA LEU A 342 -30.34 -6.27 1.76
C LEU A 342 -29.45 -5.03 1.71
N TYR A 343 -28.21 -5.17 1.25
CA TYR A 343 -27.32 -4.02 1.14
C TYR A 343 -27.83 -3.01 0.11
N GLY A 344 -28.46 -3.50 -0.96
CA GLY A 344 -29.02 -2.63 -1.97
C GLY A 344 -30.47 -2.24 -1.73
N SER A 345 -31.01 -2.54 -0.56
CA SER A 345 -32.38 -2.18 -0.20
C SER A 345 -32.44 -1.26 1.00
N VAL A 346 -31.73 -1.59 2.08
CA VAL A 346 -31.72 -0.76 3.27
C VAL A 346 -31.00 0.55 2.99
N ASP A 347 -31.17 1.53 3.87
CA ASP A 347 -30.54 2.84 3.70
C ASP A 347 -29.18 2.90 4.38
N PHE A 348 -29.08 2.42 5.61
CA PHE A 348 -27.84 2.42 6.36
C PHE A 348 -27.58 1.05 6.96
N VAL A 349 -26.30 0.71 7.09
CA VAL A 349 -25.85 -0.49 7.80
C VAL A 349 -25.08 -0.04 9.04
N ILE A 350 -25.41 -0.64 10.18
CA ILE A 350 -24.80 -0.29 11.45
C ILE A 350 -23.79 -1.37 11.79
N ILE A 351 -22.51 -0.99 11.83
CA ILE A 351 -21.43 -1.90 12.22
C ILE A 351 -20.82 -1.38 13.51
N PRO A 352 -21.43 -1.66 14.67
CA PRO A 352 -20.94 -1.14 15.95
C PRO A 352 -19.88 -2.04 16.58
N SER A 353 -18.88 -2.41 15.79
CA SER A 353 -17.87 -3.37 16.23
C SER A 353 -16.98 -2.78 17.30
N TYR A 354 -16.65 -3.60 18.31
CA TYR A 354 -15.61 -3.23 19.26
C TYR A 354 -14.22 -3.43 18.67
N PHE A 355 -14.09 -4.36 17.72
CA PHE A 355 -12.80 -4.71 17.14
C PHE A 355 -13.04 -5.20 15.72
N GLU A 356 -12.48 -4.48 14.74
CA GLU A 356 -12.67 -4.81 13.33
C GLU A 356 -11.36 -4.52 12.59
N PRO A 357 -10.51 -5.53 12.42
CA PRO A 357 -9.23 -5.28 11.74
C PRO A 357 -9.37 -4.87 10.29
N PHE A 358 -10.27 -5.50 9.55
CA PHE A 358 -10.46 -5.23 8.13
C PHE A 358 -11.81 -4.54 7.91
N GLY A 359 -11.81 -3.52 7.07
CA GLY A 359 -13.03 -2.82 6.73
C GLY A 359 -13.80 -3.48 5.60
N LEU A 360 -13.56 -4.77 5.40
CA LEU A 360 -14.23 -5.49 4.32
C LEU A 360 -15.74 -5.51 4.51
N VAL A 361 -16.20 -5.66 5.75
CA VAL A 361 -17.64 -5.66 6.02
C VAL A 361 -18.26 -4.34 5.60
N ALA A 362 -17.50 -3.25 5.66
CA ALA A 362 -18.00 -1.97 5.18
C ALA A 362 -17.97 -1.91 3.66
N LEU A 363 -16.85 -2.34 3.06
CA LEU A 363 -16.70 -2.24 1.61
C LEU A 363 -17.81 -2.96 0.87
N GLU A 364 -18.20 -4.15 1.36
CA GLU A 364 -19.26 -4.90 0.70
C GLU A 364 -20.59 -4.15 0.78
N ALA A 365 -20.84 -3.44 1.88
CA ALA A 365 -22.08 -2.68 2.01
C ALA A 365 -22.07 -1.44 1.13
N MET A 366 -20.96 -0.70 1.13
CA MET A 366 -20.85 0.50 0.31
C MET A 366 -20.85 0.18 -1.18
N CYS A 367 -20.61 -1.08 -1.56
CA CYS A 367 -20.68 -1.45 -2.97
C CYS A 367 -22.09 -1.31 -3.51
N LEU A 368 -23.10 -1.56 -2.68
CA LEU A 368 -24.50 -1.56 -3.11
C LEU A 368 -25.25 -0.34 -2.59
N GLY A 369 -24.55 0.76 -2.36
CA GLY A 369 -25.18 2.01 -1.98
C GLY A 369 -25.53 2.13 -0.50
N ALA A 370 -25.22 1.13 0.30
CA ALA A 370 -25.53 1.18 1.72
C ALA A 370 -24.52 2.05 2.46
N ILE A 371 -25.02 3.02 3.23
CA ILE A 371 -24.18 4.00 3.91
C ILE A 371 -23.85 3.46 5.29
N PRO A 372 -22.59 3.19 5.59
CA PRO A 372 -22.25 2.51 6.86
C PRO A 372 -22.21 3.47 8.04
N ILE A 373 -22.77 3.00 9.16
CA ILE A 373 -22.66 3.68 10.45
C ILE A 373 -21.84 2.76 11.35
N ALA A 374 -20.53 2.99 11.40
CA ALA A 374 -19.61 2.06 12.04
C ALA A 374 -18.78 2.76 13.10
N SER A 375 -18.15 1.96 13.95
CA SER A 375 -17.24 2.48 14.96
C SER A 375 -15.90 2.84 14.34
N ALA A 376 -15.36 3.98 14.74
CA ALA A 376 -14.04 4.39 14.30
C ALA A 376 -12.98 3.47 14.89
N VAL A 377 -12.89 2.25 14.39
CA VAL A 377 -12.06 1.21 14.97
C VAL A 377 -11.45 0.37 13.85
N GLY A 378 -10.13 0.25 13.85
CA GLY A 378 -9.47 -0.67 12.93
C GLY A 378 -9.68 -0.31 11.47
N GLY A 379 -10.17 -1.28 10.70
CA GLY A 379 -10.35 -1.07 9.28
C GLY A 379 -11.51 -0.14 8.94
N LEU A 380 -12.54 -0.12 9.78
CA LEU A 380 -13.66 0.79 9.56
C LEU A 380 -13.20 2.24 9.59
N ARG A 381 -12.23 2.55 10.46
CA ARG A 381 -11.72 3.90 10.55
C ARG A 381 -10.99 4.31 9.27
N ASP A 382 -10.26 3.38 8.66
CA ASP A 382 -9.51 3.69 7.45
C ASP A 382 -10.39 3.72 6.21
N ILE A 383 -11.45 2.91 6.18
CA ILE A 383 -12.30 2.83 5.00
C ILE A 383 -13.25 4.01 4.93
N ILE A 384 -14.05 4.20 5.98
CA ILE A 384 -15.13 5.17 5.96
C ILE A 384 -14.56 6.58 6.16
N THR A 385 -15.02 7.51 5.34
CA THR A 385 -14.69 8.92 5.44
C THR A 385 -15.96 9.71 5.75
N ASN A 386 -15.82 11.03 5.83
CA ASN A 386 -16.97 11.88 6.11
C ASN A 386 -17.97 11.87 4.95
N GLU A 387 -17.48 11.65 3.73
CA GLU A 387 -18.34 11.62 2.54
C GLU A 387 -18.93 10.26 2.26
N THR A 388 -18.56 9.22 3.02
CA THR A 388 -18.98 7.86 2.71
C THR A 388 -19.47 7.11 3.95
N GLY A 389 -19.93 7.81 4.97
CA GLY A 389 -20.47 7.14 6.14
C GLY A 389 -20.40 8.02 7.37
N ILE A 390 -20.77 7.43 8.51
CA ILE A 390 -20.79 8.11 9.79
C ILE A 390 -20.04 7.24 10.80
N LEU A 391 -19.07 7.83 11.48
CA LEU A 391 -18.29 7.13 12.49
C LEU A 391 -18.70 7.57 13.89
N VAL A 392 -18.60 6.64 14.84
CA VAL A 392 -18.97 6.89 16.22
C VAL A 392 -17.98 6.18 17.14
N LYS A 393 -17.97 6.61 18.41
CA LYS A 393 -17.12 5.98 19.41
C LYS A 393 -17.63 4.58 19.72
N ALA A 394 -16.70 3.63 19.82
CA ALA A 394 -17.06 2.25 20.09
C ALA A 394 -17.55 2.09 21.53
N GLY A 395 -18.54 1.22 21.72
CA GLY A 395 -19.09 0.96 23.03
C GLY A 395 -19.97 2.04 23.60
N ASP A 396 -20.31 3.06 22.80
CA ASP A 396 -21.14 4.17 23.26
C ASP A 396 -22.53 4.05 22.67
N PRO A 397 -23.52 3.56 23.44
CA PRO A 397 -24.88 3.49 22.89
C PRO A 397 -25.52 4.85 22.68
N GLY A 398 -25.20 5.83 23.52
CA GLY A 398 -25.75 7.15 23.34
C GLY A 398 -25.18 7.86 22.13
N GLU A 399 -23.86 7.76 21.93
CA GLU A 399 -23.25 8.34 20.74
C GLU A 399 -23.74 7.63 19.48
N LEU A 400 -23.97 6.33 19.57
CA LEU A 400 -24.50 5.58 18.42
C LEU A 400 -25.90 6.09 18.06
N ALA A 401 -26.81 6.07 19.04
CA ALA A 401 -28.19 6.48 18.79
C ALA A 401 -28.27 7.88 18.20
N ASN A 402 -27.31 8.74 18.51
CA ASN A 402 -27.27 10.06 17.90
C ASN A 402 -26.93 9.97 16.41
N ALA A 403 -26.18 8.95 16.00
CA ALA A 403 -25.85 8.80 14.59
C ALA A 403 -27.05 8.32 13.78
N ILE A 404 -27.95 7.52 14.37
CA ILE A 404 -29.19 7.17 13.69
C ILE A 404 -30.08 8.39 13.55
N LEU A 405 -30.08 9.26 14.58
CA LEU A 405 -30.81 10.51 14.47
C LEU A 405 -30.18 11.41 13.40
N LYS A 406 -28.85 11.43 13.32
CA LYS A 406 -28.20 12.18 12.25
C LYS A 406 -28.50 11.55 10.89
N ALA A 407 -28.48 10.22 10.81
CA ALA A 407 -28.80 9.55 9.57
C ALA A 407 -30.27 9.72 9.20
N LEU A 408 -31.14 9.90 10.19
CA LEU A 408 -32.54 10.17 9.90
C LEU A 408 -32.71 11.54 9.24
N GLU A 409 -32.08 12.56 9.81
CA GLU A 409 -32.10 13.89 9.19
C GLU A 409 -31.37 13.88 7.86
N LEU A 410 -30.29 13.10 7.76
CA LEU A 410 -29.56 12.99 6.50
C LEU A 410 -30.42 12.38 5.40
N SER A 411 -31.36 11.50 5.76
CA SER A 411 -32.21 10.84 4.79
C SER A 411 -33.29 11.76 4.22
N ARG A 412 -33.43 12.97 4.75
CA ARG A 412 -34.43 13.90 4.24
C ARG A 412 -33.97 14.66 3.01
N SER A 413 -32.71 14.51 2.60
CA SER A 413 -32.19 15.09 1.38
C SER A 413 -32.21 14.03 0.28
N ASP A 414 -31.39 14.22 -0.75
CA ASP A 414 -31.20 13.22 -1.79
C ASP A 414 -29.86 12.52 -1.53
N LEU A 415 -29.94 11.26 -1.11
CA LEU A 415 -28.76 10.50 -0.73
C LEU A 415 -28.09 9.81 -1.91
N SER A 416 -28.56 10.05 -3.14
CA SER A 416 -28.00 9.36 -4.30
C SER A 416 -26.54 9.70 -4.50
N LYS A 417 -26.16 10.97 -4.26
CA LYS A 417 -24.76 11.35 -4.35
C LYS A 417 -23.95 10.72 -3.22
N PHE A 418 -24.55 10.60 -2.03
CA PHE A 418 -23.88 9.93 -0.92
C PHE A 418 -23.60 8.46 -1.26
N ARG A 419 -24.60 7.76 -1.79
CA ARG A 419 -24.42 6.36 -2.16
C ARG A 419 -23.41 6.20 -3.29
N GLU A 420 -23.37 7.17 -4.22
CA GLU A 420 -22.38 7.10 -5.29
C GLU A 420 -20.97 7.29 -4.75
N ASN A 421 -20.80 8.12 -3.72
CA ASN A 421 -19.50 8.25 -3.08
C ASN A 421 -19.09 6.96 -2.41
N CYS A 422 -20.04 6.27 -1.76
CA CYS A 422 -19.73 4.99 -1.14
C CYS A 422 -19.31 3.95 -2.17
N LYS A 423 -20.08 3.84 -3.27
CA LYS A 423 -19.72 2.90 -4.32
C LYS A 423 -18.35 3.22 -4.91
N LYS A 424 -18.08 4.50 -5.15
CA LYS A 424 -16.79 4.90 -5.71
C LYS A 424 -15.66 4.67 -4.71
N ARG A 425 -15.92 4.93 -3.43
CA ARG A 425 -14.88 4.74 -2.41
C ARG A 425 -14.54 3.26 -2.25
N ALA A 426 -15.55 2.40 -2.15
CA ALA A 426 -15.30 0.97 -2.03
C ALA A 426 -14.74 0.39 -3.32
N MET A 427 -15.02 1.02 -4.46
CA MET A 427 -14.50 0.54 -5.73
C MET A 427 -12.98 0.65 -5.78
N SER A 428 -12.42 1.72 -5.21
CA SER A 428 -10.99 1.97 -5.28
C SER A 428 -10.16 0.95 -4.50
N PHE A 429 -10.79 0.10 -3.70
CA PHE A 429 -10.08 -0.91 -2.92
C PHE A 429 -10.07 -2.27 -3.63
N SER A 430 -10.50 -2.33 -4.88
CA SER A 430 -10.46 -3.57 -5.62
C SER A 430 -9.03 -3.96 -5.94
N ARG A 431 -8.77 -5.27 -5.96
CA ARG A 431 -7.43 -5.75 -6.29
C ARG A 431 -7.04 -5.39 -7.71
N GLN A 432 -8.02 -5.26 -8.62
CA GLN A 432 -7.75 -4.87 -10.00
C GLN A 432 -7.64 -3.37 -10.17
N GLY A 433 -7.83 -2.58 -9.10
CA GLY A 433 -7.70 -1.14 -9.21
C GLY A 433 -6.26 -0.69 -9.24
N ALA A 434 -6.08 0.57 -9.66
CA ALA A 434 -4.74 1.14 -9.77
C ALA A 434 -4.04 1.28 -8.42
N ASN A 435 -4.81 1.36 -7.33
CA ASN A 435 -4.21 1.50 -6.01
C ASN A 435 -3.62 0.18 -5.53
N MET A 436 -4.39 -0.91 -5.59
CA MET A 436 -3.87 -2.21 -5.17
C MET A 436 -2.72 -2.66 -6.06
N LYS A 437 -2.82 -2.41 -7.37
CA LYS A 437 -1.76 -2.80 -8.29
C LYS A 437 -0.48 -2.04 -8.02
N GLY A 438 -0.57 -0.82 -7.51
CA GLY A 438 0.63 -0.08 -7.15
C GLY A 438 1.31 -0.68 -5.92
N ALA A 439 0.52 -1.14 -4.95
CA ALA A 439 1.10 -1.77 -3.78
C ALA A 439 1.72 -3.13 -4.12
N ILE A 440 1.17 -3.82 -5.11
CA ILE A 440 1.80 -5.04 -5.58
C ILE A 440 3.10 -4.72 -6.32
N THR A 441 3.12 -3.61 -7.07
CA THR A 441 4.36 -3.18 -7.71
C THR A 441 5.41 -2.82 -6.67
N LEU A 442 5.00 -2.14 -5.60
CA LEU A 442 5.93 -1.81 -4.53
C LEU A 442 6.46 -3.06 -3.85
N THR A 443 5.61 -4.09 -3.70
CA THR A 443 6.06 -5.34 -3.09
C THR A 443 7.05 -6.06 -4.00
N ILE A 444 6.85 -6.00 -5.32
CA ILE A 444 7.82 -6.60 -6.23
C ILE A 444 9.14 -5.85 -6.16
N LEU A 445 9.09 -4.52 -6.10
CA LEU A 445 10.31 -3.72 -6.08
C LEU A 445 11.11 -3.95 -4.81
N ILE A 446 10.44 -4.06 -3.66
CA ILE A 446 11.14 -4.27 -2.41
C ILE A 446 11.65 -5.71 -2.31
N GLY A 447 10.88 -6.67 -2.82
CA GLY A 447 11.36 -8.04 -2.86
C GLY A 447 12.58 -8.20 -3.72
N VAL A 448 12.65 -7.47 -4.84
CA VAL A 448 13.83 -7.52 -5.70
C VAL A 448 15.02 -6.89 -5.00
N PHE A 449 14.79 -5.79 -4.28
CA PHE A 449 15.87 -5.13 -3.56
C PHE A 449 16.41 -6.00 -2.44
N VAL A 450 15.52 -6.66 -1.69
CA VAL A 450 15.95 -7.48 -0.57
C VAL A 450 16.74 -8.68 -1.07
N VAL A 451 16.27 -9.33 -2.14
CA VAL A 451 16.97 -10.51 -2.65
C VAL A 451 18.33 -10.14 -3.21
N CYS A 452 18.43 -9.00 -3.90
CA CYS A 452 19.68 -8.62 -4.55
C CYS A 452 20.75 -8.16 -3.57
N TRP A 453 20.35 -7.53 -2.47
CA TRP A 453 21.30 -7.01 -1.49
C TRP A 453 21.52 -7.94 -0.30
N ALA A 454 20.71 -9.00 -0.17
CA ALA A 454 20.85 -9.89 0.99
C ALA A 454 22.23 -10.53 1.10
N PRO A 455 22.82 -11.10 0.04
CA PRO A 455 24.16 -11.71 0.21
C PRO A 455 25.21 -10.70 0.65
N PHE A 456 25.16 -9.48 0.12
CA PHE A 456 26.12 -8.46 0.54
C PHE A 456 25.95 -8.13 2.02
N PHE A 457 24.70 -8.08 2.49
CA PHE A 457 24.46 -7.68 3.88
C PHE A 457 24.74 -8.81 4.85
N LEU A 458 24.55 -10.06 4.44
CA LEU A 458 25.03 -11.17 5.25
C LEU A 458 26.54 -11.18 5.33
N HIS A 459 27.20 -10.79 4.24
CA HIS A 459 28.65 -10.61 4.26
C HIS A 459 29.06 -9.50 5.21
N LEU A 460 28.25 -8.44 5.32
CA LEU A 460 28.54 -7.38 6.27
C LEU A 460 28.36 -7.85 7.71
N ILE A 461 27.35 -8.68 7.96
CA ILE A 461 27.14 -9.23 9.28
C ILE A 461 28.32 -10.09 9.70
N PHE A 462 28.77 -10.97 8.78
CA PHE A 462 29.92 -11.82 9.07
C PHE A 462 31.18 -10.99 9.29
N TYR A 463 31.26 -9.80 8.67
CA TYR A 463 32.44 -8.97 8.78
C TYR A 463 32.69 -8.51 10.21
N ILE A 464 31.61 -8.25 10.95
CA ILE A 464 31.73 -7.77 12.33
C ILE A 464 31.41 -8.85 13.36
N SER A 465 30.78 -9.95 12.96
CA SER A 465 30.36 -10.98 13.92
C SER A 465 31.25 -12.21 13.90
N CYS A 466 31.88 -12.52 12.77
CA CYS A 466 32.72 -13.71 12.68
C CYS A 466 33.77 -13.59 11.58
N PRO A 467 34.56 -12.51 11.52
CA PRO A 467 35.53 -12.40 10.41
C PRO A 467 36.63 -13.43 10.47
N GLN A 468 36.84 -14.07 11.61
CA GLN A 468 37.82 -15.14 11.78
C GLN A 468 37.22 -16.54 11.61
N ASN A 469 35.89 -16.65 11.60
CA ASN A 469 35.24 -17.95 11.47
C ASN A 469 35.60 -18.58 10.13
N PRO A 470 36.08 -19.83 10.11
CA PRO A 470 36.64 -20.38 8.87
C PRO A 470 35.64 -20.55 7.72
N TYR A 471 34.33 -20.38 7.94
CA TYR A 471 33.35 -20.44 6.87
C TYR A 471 32.45 -19.22 6.84
N CYS A 472 32.64 -18.26 7.74
CA CYS A 472 32.23 -16.91 7.41
C CYS A 472 33.14 -16.34 6.32
N VAL A 473 34.42 -16.71 6.35
CA VAL A 473 35.36 -16.27 5.31
C VAL A 473 35.09 -17.00 4.00
N CYS A 474 34.57 -18.23 4.06
CA CYS A 474 34.19 -18.92 2.83
C CYS A 474 33.06 -18.19 2.12
N PHE A 475 32.07 -17.73 2.87
CA PHE A 475 31.03 -16.87 2.31
C PHE A 475 31.61 -15.50 1.95
N MET A 476 32.49 -14.96 2.78
CA MET A 476 33.07 -13.65 2.51
C MET A 476 34.02 -13.66 1.31
N SER A 477 34.56 -14.82 0.95
CA SER A 477 35.48 -14.88 -0.19
C SER A 477 34.76 -14.72 -1.52
N HIS A 478 33.45 -14.94 -1.55
CA HIS A 478 32.65 -14.74 -2.76
C HIS A 478 32.06 -13.34 -2.83
N PHE A 479 32.83 -12.33 -2.43
CA PHE A 479 32.32 -10.97 -2.38
C PHE A 479 31.99 -10.44 -3.78
N ASN A 480 32.78 -10.82 -4.78
CA ASN A 480 32.55 -10.32 -6.13
C ASN A 480 31.22 -10.81 -6.69
N LEU A 481 30.77 -12.00 -6.30
CA LEU A 481 29.47 -12.48 -6.73
C LEU A 481 28.35 -11.60 -6.18
N TYR A 482 28.51 -11.12 -4.94
CA TYR A 482 27.49 -10.26 -4.35
C TYR A 482 27.50 -8.88 -4.99
N LEU A 483 28.63 -8.47 -5.55
CA LEU A 483 28.72 -7.16 -6.20
C LEU A 483 27.93 -7.15 -7.50
N ILE A 484 28.10 -8.19 -8.34
CA ILE A 484 27.36 -8.24 -9.60
C ILE A 484 25.88 -8.48 -9.33
N LEU A 485 25.54 -9.12 -8.21
CA LEU A 485 24.15 -9.25 -7.83
C LEU A 485 23.54 -7.90 -7.46
N ILE A 486 24.35 -7.02 -6.86
CA ILE A 486 23.88 -5.67 -6.55
C ILE A 486 23.55 -4.91 -7.84
N MET A 487 24.40 -5.06 -8.86
CA MET A 487 24.16 -4.38 -10.13
C MET A 487 22.96 -4.97 -10.85
N CYS A 488 22.65 -6.24 -10.61
CA CYS A 488 21.45 -6.83 -11.19
C CYS A 488 20.18 -6.19 -10.66
N ASN A 489 20.24 -5.56 -9.48
CA ASN A 489 19.09 -4.83 -8.96
C ASN A 489 18.77 -3.63 -9.85
N SER A 490 19.79 -2.94 -10.35
CA SER A 490 19.60 -1.79 -11.23
C SER A 490 19.24 -2.20 -12.66
N ILE A 491 19.30 -3.49 -12.98
CA ILE A 491 18.89 -3.99 -14.29
C ILE A 491 17.49 -4.58 -14.25
N ILE A 492 17.14 -5.27 -13.16
CA ILE A 492 15.82 -5.86 -13.05
C ILE A 492 14.77 -4.79 -12.78
N ASN A 493 15.13 -3.76 -12.01
CA ASN A 493 14.17 -2.70 -11.66
C ASN A 493 13.56 -2.04 -12.89
N PRO A 494 14.32 -1.63 -13.92
CA PRO A 494 13.65 -1.08 -15.11
C PRO A 494 12.71 -2.06 -15.78
N LEU A 495 13.05 -3.35 -15.77
CA LEU A 495 12.13 -4.35 -16.31
C LEU A 495 10.87 -4.45 -15.48
N ILE A 496 10.96 -4.21 -14.17
CA ILE A 496 9.79 -4.29 -13.32
C ILE A 496 8.83 -3.14 -13.62
N TYR A 497 9.36 -1.93 -13.82
CA TYR A 497 8.49 -0.81 -14.17
C TYR A 497 7.77 -1.07 -15.49
N ALA A 498 8.43 -1.74 -16.43
CA ALA A 498 7.85 -1.95 -17.75
C ALA A 498 6.63 -2.86 -17.69
N LEU A 499 6.77 -4.03 -17.07
CA LEU A 499 5.67 -4.99 -17.01
C LEU A 499 4.60 -4.61 -16.00
N ARG A 500 4.83 -3.59 -15.18
CA ARG A 500 3.85 -3.14 -14.20
C ARG A 500 3.17 -1.83 -14.57
N SER A 501 3.66 -1.12 -15.58
CA SER A 501 3.09 0.15 -16.00
C SER A 501 2.75 0.08 -17.47
N GLN A 502 1.45 0.18 -17.79
CA GLN A 502 1.03 0.15 -19.18
C GLN A 502 1.42 1.43 -19.92
N GLU A 503 1.42 2.57 -19.23
CA GLU A 503 1.78 3.83 -19.87
C GLU A 503 3.28 3.90 -20.15
N LEU A 504 4.10 3.43 -19.21
CA LEU A 504 5.54 3.45 -19.43
C LEU A 504 5.95 2.55 -20.59
N ARG A 505 5.23 1.43 -20.78
CA ARG A 505 5.48 0.58 -21.94
C ARG A 505 5.18 1.31 -23.24
N LYS A 506 4.21 2.21 -23.23
CA LYS A 506 3.87 2.96 -24.44
C LYS A 506 4.95 3.97 -24.79
N THR A 507 5.49 4.67 -23.79
CA THR A 507 6.57 5.62 -24.03
C THR A 507 7.84 4.92 -24.47
N PHE A 508 8.08 3.69 -23.98
CA PHE A 508 9.24 2.93 -24.42
C PHE A 508 9.14 2.61 -25.91
N LYS A 509 7.93 2.28 -26.39
CA LYS A 509 7.75 1.96 -27.79
C LYS A 509 7.90 3.20 -28.67
N GLU A 510 7.54 4.38 -28.15
CA GLU A 510 7.72 5.61 -28.92
C GLU A 510 9.18 6.00 -29.06
N ILE A 511 10.04 5.51 -28.16
CA ILE A 511 11.46 5.84 -28.21
C ILE A 511 12.22 4.92 -29.15
N ILE A 512 11.85 3.62 -29.18
CA ILE A 512 12.49 2.71 -30.12
C ILE A 512 12.16 3.08 -31.56
N CYS A 513 11.01 3.74 -31.77
CA CYS A 513 10.70 4.25 -33.10
C CYS A 513 11.43 5.56 -33.37
N CYS A 514 11.64 6.38 -32.34
CA CYS A 514 12.47 7.57 -32.52
C CYS A 514 13.95 7.20 -32.56
N TYR A 515 14.34 6.12 -31.87
CA TYR A 515 15.71 5.63 -31.99
C TYR A 515 15.94 4.95 -33.33
N GLU A 516 14.90 4.36 -33.91
CA GLU A 516 15.00 3.89 -35.29
C GLU A 516 15.12 5.04 -36.27
N PHE A 517 14.59 6.21 -35.90
CA PHE A 517 14.79 7.43 -36.67
C PHE A 517 16.01 8.21 -36.22
N LEU A 518 16.53 7.94 -35.03
CA LEU A 518 17.78 8.56 -34.56
C LEU A 518 19.00 8.03 -35.27
N GLU A 519 18.83 7.10 -36.21
CA GLU A 519 19.92 6.62 -37.06
C GLU A 519 19.72 6.97 -38.53
N VAL A 520 18.52 7.31 -38.96
CA VAL A 520 18.30 7.69 -40.36
C VAL A 520 18.84 9.08 -40.62
N LEU A 521 18.37 10.07 -39.85
CA LEU A 521 18.91 11.42 -39.95
C LEU A 521 20.34 11.50 -39.44
N PHE A 522 20.78 10.52 -38.64
CA PHE A 522 22.16 10.49 -38.17
C PHE A 522 23.12 10.15 -39.31
N GLN A 523 22.79 9.11 -40.08
CA GLN A 523 23.62 8.70 -41.22
C GLN A 523 23.15 9.31 -42.54
N GLY A 524 22.17 10.21 -42.50
CA GLY A 524 21.68 10.85 -43.70
C GLY A 524 20.99 12.17 -43.42
N ASP B 3 39.87 -1.58 -3.24
CA ASP B 3 39.19 -2.84 -3.55
C ASP B 3 37.86 -2.57 -4.24
N PRO B 4 37.35 -3.57 -4.99
CA PRO B 4 35.99 -3.47 -5.50
C PRO B 4 34.98 -3.33 -4.37
N ARG B 6 33.24 -2.08 -0.90
CA ARG B 6 33.84 -1.86 0.41
C ARG B 6 33.57 -3.07 1.32
N TRP B 7 34.45 -3.26 2.30
CA TRP B 7 34.37 -4.38 3.26
C TRP B 7 34.53 -5.72 2.55
N GLY B 8 35.21 -5.73 1.40
CA GLY B 8 35.47 -6.98 0.70
C GLY B 8 36.60 -7.77 1.32
N LYS B 9 37.55 -7.10 1.95
CA LYS B 9 38.67 -7.78 2.59
C LYS B 9 38.24 -8.36 3.94
#